data_6DC4
#
_entry.id   6DC4
#
_cell.length_a   64.240
_cell.length_b   75.220
_cell.length_c   109.010
_cell.angle_alpha   90.00
_cell.angle_beta   90.00
_cell.angle_gamma   90.00
#
_symmetry.space_group_name_H-M   'P 21 21 21'
#
loop_
_entity.id
_entity.type
_entity.pdbx_description
1 polymer 'Fab AM22 Heavy Chain'
2 polymer 'Fab AM22 Light Chain'
3 non-polymer 1,2-ETHANEDIOL
4 water water
#
loop_
_entity_poly.entity_id
_entity_poly.type
_entity_poly.pdbx_seq_one_letter_code
_entity_poly.pdbx_strand_id
1 'polypeptide(L)'
;QVQLVQSGAEVKKPGATVKVSCKISGHTLIKLSIHWVRQAPGKGLEWMGGYEGEVDEIFYAQKFQHRLTVIADTATDTVY
MELGRLTSDDTAVYFCGTLGVTVTEAGLGIDDYWGQGTLVTVSSASTKGPSVFPLAPSSKSTSGGTAALGCLVKDYFPEP
VTVSWNSGALTSGVHTFPAVLQSSGLYSLSSVVTVPSSSLGTQTYICNVNHKPSNTKVDKKVEPKSCD
;
H
2 'polypeptide(L)'
;EIVLTQSPGTLSLSPGERATLSCRASQIVSRNHLAWYQQKPGQAPRLLIFGASSRATGIPVRFSGSGSGTDFTLTINGLA
PEDFAVYYCLSSDSSIFTFGPGTKVDFKRTVAAPSVFIFPPSDEQLKSGTASVVCLLNNFYPREAKVQWKVDNALQSGNS
QESVTEQDSKDSTYSLSSTLTLSKADYEKHKVYACEVTHQGLSSPVTKSFNRGEC
;
L
#
loop_
_chem_comp.id
_chem_comp.type
_chem_comp.name
_chem_comp.formula
EDO non-polymer 1,2-ETHANEDIOL 'C2 H6 O2'
#
# COMPACT_ATOMS: atom_id res chain seq x y z
N GLN A 1 16.47 -22.87 3.81
CA GLN A 1 15.43 -23.90 3.80
C GLN A 1 14.45 -23.68 4.96
N VAL A 2 14.65 -22.61 5.71
CA VAL A 2 13.67 -22.20 6.71
C VAL A 2 12.51 -21.52 6.00
N GLN A 3 11.30 -21.91 6.35
CA GLN A 3 10.12 -21.35 5.72
C GLN A 3 9.06 -21.13 6.77
N LEU A 4 8.46 -19.94 6.77
CA LEU A 4 7.28 -19.63 7.57
C LEU A 4 6.12 -19.44 6.62
N VAL A 5 5.08 -20.25 6.75
CA VAL A 5 3.93 -20.23 5.85
C VAL A 5 2.69 -19.95 6.66
N GLN A 6 1.95 -18.90 6.29
CA GLN A 6 0.74 -18.53 7.00
C GLN A 6 -0.48 -19.04 6.27
N SER A 7 -1.58 -19.06 7.00
CA SER A 7 -2.88 -19.45 6.46
C SER A 7 -3.41 -18.37 5.53
N GLY A 8 -4.49 -18.71 4.80
CA GLY A 8 -4.98 -17.88 3.73
C GLY A 8 -5.82 -16.69 4.17
N ALA A 9 -6.16 -15.87 3.18
CA ALA A 9 -6.93 -14.65 3.42
C ALA A 9 -8.26 -14.95 4.09
N GLU A 10 -8.71 -14.01 4.92
CA GLU A 10 -9.91 -14.14 5.72
C GLU A 10 -10.83 -12.95 5.52
N VAL A 11 -12.13 -13.20 5.49
CA VAL A 11 -13.15 -12.16 5.52
C VAL A 11 -14.03 -12.42 6.73
N LYS A 12 -14.17 -11.41 7.59
CA LYS A 12 -14.92 -11.54 8.84
C LYS A 12 -15.89 -10.39 9.03
N LYS A 13 -17.03 -10.69 9.66
CA LYS A 13 -17.99 -9.67 10.03
C LYS A 13 -17.53 -8.93 11.28
N PRO A 14 -17.95 -7.68 11.45
CA PRO A 14 -17.63 -6.96 12.70
C PRO A 14 -18.14 -7.74 13.91
N GLY A 15 -17.29 -7.83 14.93
CA GLY A 15 -17.60 -8.58 16.12
C GLY A 15 -17.18 -10.03 16.10
N ALA A 16 -16.76 -10.57 14.95
CA ALA A 16 -16.32 -11.96 14.85
C ALA A 16 -14.90 -12.10 15.40
N THR A 17 -14.38 -13.33 15.34
CA THR A 17 -13.02 -13.68 15.72
C THR A 17 -12.30 -14.29 14.52
N VAL A 18 -11.00 -13.98 14.37
CA VAL A 18 -10.18 -14.57 13.33
C VAL A 18 -9.02 -15.30 13.98
N LYS A 19 -8.63 -16.42 13.39
CA LYS A 19 -7.46 -17.17 13.83
C LYS A 19 -6.56 -17.37 12.63
N VAL A 20 -5.31 -16.90 12.74
CA VAL A 20 -4.31 -17.01 11.69
C VAL A 20 -3.18 -17.90 12.20
N SER A 21 -2.69 -18.78 11.33
CA SER A 21 -1.60 -19.69 11.70
C SER A 21 -0.31 -19.33 10.98
N CYS A 22 0.80 -19.73 11.61
CA CYS A 22 2.15 -19.52 11.08
C CYS A 22 2.92 -20.80 11.33
N LYS A 23 3.19 -21.55 10.26
CA LYS A 23 3.82 -22.87 10.35
C LYS A 23 5.28 -22.78 9.93
N ILE A 24 6.16 -23.33 10.76
CA ILE A 24 7.60 -23.28 10.56
C ILE A 24 8.05 -24.64 10.04
N SER A 25 8.85 -24.62 8.98
CA SER A 25 9.55 -25.81 8.51
C SER A 25 11.03 -25.46 8.35
N GLY A 26 11.87 -26.50 8.38
CA GLY A 26 13.29 -26.24 8.31
C GLY A 26 13.89 -25.68 9.57
N HIS A 27 13.13 -25.65 10.66
CA HIS A 27 13.55 -25.06 11.93
C HIS A 27 12.59 -25.56 13.00
N THR A 28 12.82 -25.16 14.25
CA THR A 28 11.99 -25.61 15.34
C THR A 28 11.48 -24.43 16.15
N LEU A 29 10.21 -24.49 16.51
CA LEU A 29 9.58 -23.39 17.23
C LEU A 29 10.28 -23.14 18.58
N ILE A 30 10.73 -24.20 19.26
CA ILE A 30 11.37 -23.98 20.56
C ILE A 30 12.69 -23.23 20.47
N LYS A 31 13.26 -23.09 19.28
CA LYS A 31 14.47 -22.30 19.07
C LYS A 31 14.19 -20.93 18.47
N LEU A 32 12.92 -20.54 18.33
CA LEU A 32 12.57 -19.35 17.55
C LEU A 32 11.74 -18.37 18.35
N SER A 33 11.87 -17.10 17.98
CA SER A 33 10.98 -16.03 18.38
C SER A 33 9.99 -15.83 17.25
N ILE A 34 8.69 -15.81 17.55
CA ILE A 34 7.65 -15.65 16.53
C ILE A 34 6.67 -14.58 17.00
N HIS A 35 6.64 -13.45 16.30
CA HIS A 35 5.79 -12.33 16.66
C HIS A 35 4.85 -11.97 15.53
N TRP A 36 3.68 -11.46 15.92
CA TRP A 36 2.66 -11.04 14.97
C TRP A 36 2.72 -9.53 14.79
N VAL A 37 2.82 -9.10 13.54
CA VAL A 37 2.91 -7.68 13.17
C VAL A 37 1.89 -7.42 12.07
N ARG A 38 1.05 -6.41 12.24
CA ARG A 38 0.04 -6.13 11.23
C ARG A 38 0.30 -4.79 10.54
N GLN A 39 -0.37 -4.61 9.40
CA GLN A 39 -0.19 -3.41 8.61
C GLN A 39 -1.50 -3.10 7.93
N ALA A 40 -2.20 -2.06 8.40
CA ALA A 40 -3.40 -1.60 7.70
C ALA A 40 -3.03 -1.02 6.34
N PRO A 41 -3.97 -1.00 5.39
CA PRO A 41 -3.63 -0.53 4.04
C PRO A 41 -3.09 0.89 4.07
N GLY A 42 -1.92 1.06 3.46
CA GLY A 42 -1.26 2.36 3.41
C GLY A 42 -0.68 2.87 4.72
N LYS A 43 -0.65 2.06 5.78
CA LYS A 43 -0.18 2.50 7.09
C LYS A 43 1.07 1.73 7.49
N GLY A 44 1.55 1.98 8.71
CA GLY A 44 2.80 1.42 9.18
C GLY A 44 2.62 0.07 9.86
N LEU A 45 3.74 -0.46 10.35
CA LEU A 45 3.77 -1.74 11.06
C LEU A 45 3.36 -1.57 12.51
N GLU A 46 2.60 -2.54 13.02
CA GLU A 46 2.12 -2.49 14.40
C GLU A 46 2.29 -3.86 15.04
N TRP A 47 3.05 -3.91 16.13
CA TRP A 47 3.23 -5.17 16.87
C TRP A 47 1.99 -5.52 17.68
N MET A 48 1.61 -6.79 17.65
CA MET A 48 0.45 -7.27 18.39
C MET A 48 0.80 -8.12 19.59
N GLY A 49 1.79 -8.99 19.44
CA GLY A 49 2.12 -9.95 20.47
C GLY A 49 2.97 -11.05 19.84
N GLY A 50 3.38 -12.00 20.67
CA GLY A 50 4.24 -13.03 20.13
C GLY A 50 4.63 -14.08 21.14
N TYR A 51 5.52 -14.95 20.70
CA TYR A 51 5.94 -16.13 21.45
C TYR A 51 7.46 -16.21 21.42
N GLU A 52 8.06 -16.50 22.57
CA GLU A 52 9.49 -16.74 22.67
C GLU A 52 9.71 -18.22 23.01
N GLY A 53 10.25 -18.97 22.05
CA GLY A 53 10.33 -20.41 22.22
C GLY A 53 11.32 -20.85 23.28
N GLU A 54 12.38 -20.08 23.49
CA GLU A 54 13.40 -20.45 24.47
C GLU A 54 12.80 -20.52 25.88
N VAL A 55 12.06 -19.49 26.28
CA VAL A 55 11.48 -19.42 27.62
C VAL A 55 10.05 -19.92 27.65
N ASP A 56 9.47 -20.27 26.51
CA ASP A 56 8.09 -20.74 26.44
C ASP A 56 7.15 -19.72 27.07
N GLU A 57 7.24 -18.47 26.60
CA GLU A 57 6.42 -17.40 27.13
C GLU A 57 5.74 -16.62 26.02
N ILE A 58 4.54 -16.13 26.31
CA ILE A 58 3.73 -15.35 25.38
C ILE A 58 3.68 -13.91 25.86
N PHE A 59 3.71 -12.97 24.92
CA PHE A 59 3.69 -11.54 25.20
C PHE A 59 2.61 -10.87 24.37
N TYR A 60 1.99 -9.82 24.94
CA TYR A 60 0.90 -9.12 24.28
C TYR A 60 1.11 -7.62 24.34
N ALA A 61 0.71 -6.94 23.27
CA ALA A 61 0.56 -5.48 23.33
C ALA A 61 -0.67 -5.15 24.16
N GLN A 62 -0.51 -4.21 25.11
CA GLN A 62 -1.63 -3.86 25.98
C GLN A 62 -2.86 -3.43 25.18
N LYS A 63 -2.63 -2.78 24.03
CA LYS A 63 -3.74 -2.35 23.18
C LYS A 63 -4.66 -3.50 22.81
N PHE A 64 -4.14 -4.71 22.68
CA PHE A 64 -4.91 -5.86 22.19
C PHE A 64 -5.16 -6.93 23.23
N GLN A 65 -4.51 -6.89 24.40
CA GLN A 65 -4.46 -8.10 25.22
C GLN A 65 -5.84 -8.54 25.71
N HIS A 66 -6.81 -7.63 25.77
CA HIS A 66 -8.17 -8.00 26.19
C HIS A 66 -8.90 -8.85 25.15
N ARG A 67 -8.40 -8.92 23.91
CA ARG A 67 -9.12 -9.63 22.87
C ARG A 67 -8.18 -10.41 21.94
N LEU A 68 -6.95 -10.65 22.36
CA LEU A 68 -5.96 -11.33 21.55
C LEU A 68 -5.40 -12.49 22.34
N THR A 69 -5.31 -13.65 21.70
CA THR A 69 -4.64 -14.80 22.27
C THR A 69 -3.61 -15.30 21.26
N VAL A 70 -2.40 -15.54 21.74
CA VAL A 70 -1.35 -16.17 20.94
C VAL A 70 -1.14 -17.58 21.46
N ILE A 71 -1.04 -18.54 20.54
CA ILE A 71 -0.99 -19.96 20.89
C ILE A 71 0.22 -20.56 20.19
N ALA A 72 1.09 -21.22 20.96
CA ALA A 72 2.23 -21.92 20.39
C ALA A 72 1.99 -23.42 20.51
N ASP A 73 2.18 -24.13 19.41
CA ASP A 73 2.10 -25.58 19.38
C ASP A 73 3.50 -26.07 19.04
N THR A 74 4.31 -26.33 20.08
CA THR A 74 5.66 -26.80 19.86
C THR A 74 5.72 -28.20 19.27
N ALA A 75 4.62 -28.95 19.33
CA ALA A 75 4.57 -30.28 18.72
C ALA A 75 4.44 -30.21 17.21
N THR A 76 3.79 -29.17 16.68
CA THR A 76 3.63 -29.02 15.24
C THR A 76 4.40 -27.83 14.66
N ASP A 77 5.21 -27.15 15.49
CA ASP A 77 5.96 -25.97 15.06
C ASP A 77 5.04 -24.93 14.42
N THR A 78 3.87 -24.73 15.05
CA THR A 78 2.90 -23.77 14.54
C THR A 78 2.55 -22.76 15.61
N VAL A 79 2.52 -21.48 15.25
CA VAL A 79 2.06 -20.43 16.14
C VAL A 79 0.79 -19.84 15.55
N TYR A 80 -0.13 -19.46 16.42
CA TYR A 80 -1.43 -18.93 16.04
C TYR A 80 -1.64 -17.56 16.68
N MET A 81 -2.40 -16.71 16.01
CA MET A 81 -2.97 -15.53 16.64
C MET A 81 -4.48 -15.61 16.49
N GLU A 82 -5.18 -15.30 17.57
CA GLU A 82 -6.65 -15.30 17.58
C GLU A 82 -7.08 -13.93 18.07
N LEU A 83 -7.72 -13.16 17.19
CA LEU A 83 -8.12 -11.79 17.49
C LEU A 83 -9.63 -11.70 17.42
N GLY A 84 -10.25 -11.28 18.53
CA GLY A 84 -11.68 -11.18 18.63
C GLY A 84 -12.19 -9.74 18.61
N ARG A 85 -13.51 -9.64 18.69
CA ARG A 85 -14.22 -8.36 18.71
C ARG A 85 -13.75 -7.47 17.55
N LEU A 86 -13.69 -8.07 16.37
CA LEU A 86 -13.11 -7.41 15.20
C LEU A 86 -13.96 -6.21 14.77
N THR A 87 -13.26 -5.18 14.31
CA THR A 87 -13.89 -4.05 13.63
C THR A 87 -13.11 -3.77 12.35
N SER A 88 -13.61 -2.82 11.58
CA SER A 88 -12.93 -2.44 10.34
C SER A 88 -11.53 -1.88 10.60
N ASP A 89 -11.25 -1.42 11.82
CA ASP A 89 -9.90 -1.02 12.18
C ASP A 89 -8.92 -2.20 12.14
N ASP A 90 -9.42 -3.43 12.13
CA ASP A 90 -8.56 -4.62 12.12
C ASP A 90 -8.31 -5.15 10.71
N THR A 91 -8.90 -4.55 9.69
CA THR A 91 -8.55 -4.90 8.32
C THR A 91 -7.08 -4.57 8.07
N ALA A 92 -6.30 -5.59 7.71
CA ALA A 92 -4.84 -5.40 7.63
C ALA A 92 -4.21 -6.67 7.10
N VAL A 93 -2.96 -6.56 6.68
CA VAL A 93 -2.15 -7.76 6.45
C VAL A 93 -1.44 -8.08 7.76
N TYR A 94 -1.54 -9.34 8.19
CA TYR A 94 -0.92 -9.82 9.42
C TYR A 94 0.26 -10.69 9.05
N PHE A 95 1.43 -10.38 9.62
CA PHE A 95 2.67 -11.10 9.37
C PHE A 95 3.13 -11.80 10.65
N CYS A 96 3.71 -12.98 10.51
CA CYS A 96 4.56 -13.53 11.57
C CYS A 96 6.04 -13.34 11.20
N GLY A 97 6.84 -12.94 12.19
CA GLY A 97 8.26 -12.67 11.95
C GLY A 97 9.07 -12.89 13.20
N THR A 98 10.36 -13.18 13.01
CA THR A 98 11.25 -13.53 14.12
C THR A 98 11.95 -12.28 14.67
N LEU A 99 11.23 -11.54 15.52
CA LEU A 99 11.72 -10.25 16.02
C LEU A 99 12.71 -10.34 17.19
N GLY A 100 12.71 -11.42 17.97
CA GLY A 100 13.43 -11.41 19.24
C GLY A 100 14.94 -11.52 19.08
N VAL A 101 15.68 -10.84 19.98
CA VAL A 101 17.13 -10.98 20.06
C VAL A 101 17.48 -11.79 21.29
N THR A 102 18.49 -12.65 21.16
CA THR A 102 19.02 -13.42 22.26
C THR A 102 20.30 -12.74 22.73
N VAL A 103 20.32 -12.36 24.01
CA VAL A 103 21.46 -11.69 24.61
C VAL A 103 22.22 -12.73 25.40
N THR A 104 23.41 -13.08 24.93
CA THR A 104 24.34 -13.94 25.65
C THR A 104 25.66 -13.20 25.83
N GLU A 105 26.55 -13.82 26.62
CA GLU A 105 27.87 -13.23 26.81
C GLU A 105 28.66 -13.20 25.51
N ALA A 106 28.33 -14.11 24.57
CA ALA A 106 29.05 -14.21 23.31
C ALA A 106 28.56 -13.22 22.26
N GLY A 107 27.49 -12.48 22.53
CA GLY A 107 27.00 -11.46 21.62
C GLY A 107 25.50 -11.55 21.43
N LEU A 108 25.00 -10.78 20.47
CA LEU A 108 23.59 -10.74 20.14
C LEU A 108 23.27 -11.75 19.04
N GLY A 109 22.19 -12.48 19.22
CA GLY A 109 21.71 -13.39 18.19
C GLY A 109 20.33 -12.96 17.73
N ILE A 110 20.09 -13.02 16.43
CA ILE A 110 18.78 -12.70 15.89
C ILE A 110 18.60 -13.46 14.57
N ASP A 111 17.39 -13.95 14.34
CA ASP A 111 16.99 -14.50 13.05
C ASP A 111 16.10 -13.48 12.33
N ASP A 112 16.03 -13.60 11.01
CA ASP A 112 15.14 -12.76 10.21
C ASP A 112 14.34 -13.63 9.26
N TYR A 113 13.33 -14.34 9.79
CA TYR A 113 12.44 -15.14 8.98
C TYR A 113 11.04 -14.57 9.08
N TRP A 114 10.33 -14.52 7.94
CA TRP A 114 9.01 -13.94 7.88
C TRP A 114 8.06 -14.82 7.08
N GLY A 115 6.81 -14.89 7.52
CA GLY A 115 5.76 -15.46 6.70
C GLY A 115 5.39 -14.52 5.57
N GLN A 116 4.49 -14.99 4.72
CA GLN A 116 4.12 -14.24 3.52
C GLN A 116 3.01 -13.22 3.76
N GLY A 117 2.45 -13.19 4.96
CA GLY A 117 1.36 -12.31 5.28
C GLY A 117 0.01 -12.96 5.02
N THR A 118 -0.98 -12.51 5.79
CA THR A 118 -2.38 -12.95 5.66
C THR A 118 -3.27 -11.72 5.65
N LEU A 119 -4.07 -11.55 4.61
CA LEU A 119 -5.00 -10.44 4.56
C LEU A 119 -6.25 -10.83 5.34
N VAL A 120 -6.62 -9.99 6.31
CA VAL A 120 -7.89 -10.12 7.03
C VAL A 120 -8.72 -8.88 6.70
N THR A 121 -9.91 -9.09 6.13
CA THR A 121 -10.84 -8.00 5.86
C THR A 121 -12.02 -8.12 6.81
N VAL A 122 -12.31 -7.05 7.55
CA VAL A 122 -13.43 -7.03 8.49
C VAL A 122 -14.50 -6.09 7.94
N SER A 123 -15.65 -6.66 7.59
CA SER A 123 -16.66 -5.87 6.91
C SER A 123 -17.99 -6.59 6.96
N SER A 124 -19.08 -5.81 6.90
CA SER A 124 -20.42 -6.36 6.73
C SER A 124 -20.77 -6.64 5.27
N ALA A 125 -19.92 -6.24 4.34
CA ALA A 125 -20.22 -6.39 2.91
C ALA A 125 -20.26 -7.86 2.50
N SER A 126 -21.06 -8.15 1.49
CA SER A 126 -21.10 -9.47 0.86
C SER A 126 -20.22 -9.50 -0.37
N THR A 127 -19.72 -10.69 -0.68
CA THR A 127 -18.91 -10.90 -1.87
C THR A 127 -19.63 -10.41 -3.12
N LYS A 128 -18.93 -9.64 -3.95
CA LYS A 128 -19.55 -9.02 -5.12
C LYS A 128 -18.48 -8.75 -6.18
N GLY A 129 -18.73 -9.19 -7.42
CA GLY A 129 -17.82 -8.91 -8.50
C GLY A 129 -18.02 -7.51 -9.04
N PRO A 130 -17.00 -6.95 -9.68
CA PRO A 130 -17.09 -5.57 -10.16
C PRO A 130 -17.90 -5.43 -11.44
N SER A 131 -18.39 -4.21 -11.66
CA SER A 131 -18.77 -3.76 -13.00
C SER A 131 -17.57 -3.06 -13.60
N VAL A 132 -17.35 -3.28 -14.90
CA VAL A 132 -16.21 -2.66 -15.58
C VAL A 132 -16.74 -1.67 -16.61
N PHE A 133 -16.34 -0.40 -16.45
CA PHE A 133 -16.83 0.62 -17.36
C PHE A 133 -15.66 1.22 -18.11
N PRO A 134 -15.88 1.65 -19.35
CA PRO A 134 -14.78 2.23 -20.12
C PRO A 134 -14.47 3.66 -19.69
N LEU A 135 -13.18 3.99 -19.76
CA LEU A 135 -12.69 5.36 -19.64
C LEU A 135 -12.17 5.71 -21.03
N ALA A 136 -13.01 6.34 -21.83
CA ALA A 136 -12.75 6.35 -23.26
C ALA A 136 -11.79 7.48 -23.63
N PRO A 137 -10.84 7.24 -24.56
CA PRO A 137 -9.93 8.32 -24.98
C PRO A 137 -10.64 9.38 -25.81
N GLY A 144 -3.26 16.52 -28.67
CA GLY A 144 -1.86 16.18 -28.87
C GLY A 144 -1.60 14.77 -29.36
N GLY A 145 -0.35 14.32 -29.26
CA GLY A 145 0.07 13.03 -29.80
C GLY A 145 -0.12 11.84 -28.88
N THR A 146 -0.48 12.05 -27.62
CA THR A 146 -0.66 10.96 -26.66
C THR A 146 -2.09 10.98 -26.14
N ALA A 147 -2.73 9.81 -26.14
CA ALA A 147 -4.08 9.68 -25.62
C ALA A 147 -4.06 8.82 -24.36
N ALA A 148 -5.05 9.04 -23.51
CA ALA A 148 -5.22 8.23 -22.31
C ALA A 148 -6.56 7.52 -22.38
N LEU A 149 -6.58 6.26 -21.94
CA LEU A 149 -7.80 5.47 -21.87
C LEU A 149 -7.70 4.54 -20.66
N GLY A 150 -8.80 3.91 -20.30
CA GLY A 150 -8.73 3.04 -19.14
C GLY A 150 -10.01 2.29 -18.92
N CYS A 151 -10.03 1.58 -17.79
CA CYS A 151 -11.20 0.84 -17.32
C CYS A 151 -11.46 1.23 -15.87
N LEU A 152 -12.72 1.52 -15.55
CA LEU A 152 -13.15 1.76 -14.18
C LEU A 152 -13.74 0.46 -13.64
N VAL A 153 -13.14 -0.06 -12.57
CA VAL A 153 -13.51 -1.35 -12.01
C VAL A 153 -14.23 -1.07 -10.70
N LYS A 154 -15.57 -1.02 -10.73
CA LYS A 154 -16.33 -0.40 -9.66
C LYS A 154 -17.15 -1.41 -8.88
N ASP A 155 -17.17 -1.23 -7.56
CA ASP A 155 -18.13 -1.87 -6.65
C ASP A 155 -17.89 -3.37 -6.49
N TYR A 156 -16.72 -3.75 -5.99
CA TYR A 156 -16.43 -5.15 -5.73
C TYR A 156 -16.05 -5.36 -4.28
N PHE A 157 -16.16 -6.60 -3.82
CA PHE A 157 -15.75 -6.94 -2.46
C PHE A 157 -15.49 -8.43 -2.38
N PRO A 158 -14.43 -8.88 -1.67
CA PRO A 158 -13.38 -8.10 -1.02
C PRO A 158 -12.25 -7.89 -1.99
N GLU A 159 -11.14 -7.32 -1.53
CA GLU A 159 -9.91 -7.36 -2.32
C GLU A 159 -9.48 -8.81 -2.51
N PRO A 160 -8.68 -9.10 -3.55
CA PRO A 160 -8.10 -8.22 -4.58
C PRO A 160 -8.68 -8.40 -5.97
N VAL A 161 -8.27 -7.50 -6.85
CA VAL A 161 -8.61 -7.52 -8.26
C VAL A 161 -7.31 -7.39 -9.03
N THR A 162 -7.20 -8.07 -10.17
CA THR A 162 -6.08 -7.86 -11.07
C THR A 162 -6.57 -7.37 -12.42
N VAL A 163 -5.74 -6.57 -13.08
CA VAL A 163 -6.05 -6.02 -14.40
C VAL A 163 -4.82 -6.19 -15.29
N SER A 164 -5.03 -6.69 -16.50
CA SER A 164 -4.04 -6.61 -17.56
C SER A 164 -4.66 -5.93 -18.76
N TRP A 165 -3.84 -5.63 -19.76
CA TRP A 165 -4.29 -5.01 -20.99
C TRP A 165 -3.85 -5.90 -22.16
N ASN A 166 -4.78 -6.15 -23.07
CA ASN A 166 -4.53 -6.97 -24.26
C ASN A 166 -3.85 -8.28 -23.89
N SER A 167 -4.39 -8.93 -22.85
CA SER A 167 -3.94 -10.24 -22.37
C SER A 167 -2.46 -10.25 -22.01
N GLY A 168 -1.94 -9.13 -21.53
CA GLY A 168 -0.55 -9.04 -21.15
C GLY A 168 0.38 -8.52 -22.23
N ALA A 169 -0.12 -8.33 -23.45
CA ALA A 169 0.69 -7.78 -24.53
C ALA A 169 0.96 -6.29 -24.36
N LEU A 170 0.10 -5.57 -23.64
CA LEU A 170 0.27 -4.13 -23.44
C LEU A 170 0.64 -3.89 -21.99
N THR A 171 1.88 -3.47 -21.74
CA THR A 171 2.34 -3.18 -20.40
C THR A 171 2.95 -1.78 -20.27
N SER A 172 3.59 -1.27 -21.31
CA SER A 172 4.19 0.05 -21.24
C SER A 172 3.10 1.12 -21.11
N GLY A 173 3.32 2.06 -20.20
CA GLY A 173 2.38 3.15 -19.99
C GLY A 173 1.15 2.82 -19.16
N VAL A 174 1.03 1.58 -18.68
CA VAL A 174 -0.13 1.18 -17.87
C VAL A 174 0.07 1.61 -16.43
N HIS A 175 -0.98 2.20 -15.83
CA HIS A 175 -1.01 2.45 -14.39
C HIS A 175 -2.30 1.86 -13.84
N THR A 176 -2.20 0.81 -13.04
CA THR A 176 -3.34 0.26 -12.34
C THR A 176 -3.28 0.77 -10.90
N PHE A 177 -4.29 1.55 -10.51
CA PHE A 177 -4.23 2.24 -9.24
C PHE A 177 -4.61 1.31 -8.09
N PRO A 178 -4.05 1.52 -6.91
CA PRO A 178 -4.56 0.83 -5.72
C PRO A 178 -6.04 1.16 -5.51
N ALA A 179 -6.80 0.17 -5.04
CA ALA A 179 -8.22 0.41 -4.82
C ALA A 179 -8.47 1.39 -3.69
N VAL A 180 -9.62 2.04 -3.75
CA VAL A 180 -10.15 2.81 -2.64
C VAL A 180 -11.36 2.07 -2.09
N LEU A 181 -11.61 2.28 -0.81
CA LEU A 181 -12.79 1.72 -0.15
C LEU A 181 -13.86 2.81 -0.09
N GLN A 182 -14.99 2.57 -0.74
CA GLN A 182 -16.02 3.58 -0.85
C GLN A 182 -16.90 3.58 0.39
N SER A 183 -17.68 4.65 0.55
CA SER A 183 -18.54 4.74 1.73
C SER A 183 -19.55 3.61 1.77
N SER A 184 -19.84 2.98 0.63
CA SER A 184 -20.73 1.83 0.55
C SER A 184 -20.11 0.56 1.12
N GLY A 185 -18.82 0.57 1.47
CA GLY A 185 -18.13 -0.65 1.84
C GLY A 185 -17.63 -1.48 0.68
N LEU A 186 -17.80 -1.00 -0.56
CA LEU A 186 -17.31 -1.71 -1.73
C LEU A 186 -16.07 -1.02 -2.26
N TYR A 187 -15.18 -1.79 -2.87
CA TYR A 187 -13.95 -1.25 -3.43
C TYR A 187 -14.18 -0.79 -4.86
N SER A 188 -13.30 0.11 -5.30
CA SER A 188 -13.28 0.57 -6.68
C SER A 188 -11.85 0.88 -7.05
N LEU A 189 -11.47 0.59 -8.30
CA LEU A 189 -10.16 1.04 -8.79
C LEU A 189 -10.30 1.39 -10.26
N SER A 190 -9.32 2.12 -10.78
CA SER A 190 -9.20 2.35 -12.22
C SER A 190 -7.84 1.85 -12.70
N SER A 191 -7.79 1.39 -13.95
CA SER A 191 -6.55 1.07 -14.63
C SER A 191 -6.50 1.90 -15.91
N VAL A 192 -5.39 2.63 -16.12
CA VAL A 192 -5.29 3.51 -17.28
C VAL A 192 -4.03 3.18 -18.05
N VAL A 193 -4.00 3.60 -19.31
CA VAL A 193 -2.82 3.47 -20.14
C VAL A 193 -2.76 4.68 -21.07
N THR A 194 -1.55 5.17 -21.33
CA THR A 194 -1.35 6.18 -22.35
C THR A 194 -0.75 5.53 -23.59
N VAL A 195 -1.25 5.93 -24.75
CA VAL A 195 -0.88 5.32 -26.03
C VAL A 195 -0.79 6.42 -27.09
N PRO A 196 -0.16 6.12 -28.22
CA PRO A 196 -0.15 7.10 -29.32
C PRO A 196 -1.55 7.37 -29.83
N SER A 197 -1.90 8.65 -29.94
CA SER A 197 -3.23 8.99 -30.42
C SER A 197 -3.46 8.52 -31.85
N SER A 198 -2.38 8.37 -32.63
CA SER A 198 -2.51 7.86 -33.99
C SER A 198 -2.86 6.38 -34.04
N SER A 199 -2.74 5.67 -32.92
CA SER A 199 -3.12 4.25 -32.87
C SER A 199 -4.60 4.04 -32.58
N LEU A 200 -5.34 5.10 -32.26
CA LEU A 200 -6.71 4.91 -31.76
C LEU A 200 -7.61 4.29 -32.81
N GLY A 201 -7.45 4.67 -34.08
CA GLY A 201 -8.31 4.09 -35.10
C GLY A 201 -7.94 2.68 -35.52
N THR A 202 -6.76 2.22 -35.13
CA THR A 202 -6.20 0.95 -35.56
C THR A 202 -6.17 -0.10 -34.47
N GLN A 203 -5.58 0.23 -33.33
CA GLN A 203 -5.27 -0.75 -32.30
C GLN A 203 -6.45 -0.96 -31.36
N THR A 204 -6.78 -2.23 -31.11
CA THR A 204 -7.81 -2.55 -30.12
C THR A 204 -7.20 -2.54 -28.73
N TYR A 205 -7.93 -1.96 -27.77
CA TYR A 205 -7.52 -1.95 -26.37
C TYR A 205 -8.61 -2.61 -25.53
N ILE A 206 -8.22 -3.69 -24.84
CA ILE A 206 -9.13 -4.48 -23.99
C ILE A 206 -8.46 -4.62 -22.63
N CYS A 207 -9.19 -4.28 -21.57
CA CYS A 207 -8.68 -4.55 -20.23
C CYS A 207 -9.25 -5.88 -19.76
N ASN A 208 -8.39 -6.69 -19.14
CA ASN A 208 -8.77 -8.00 -18.63
C ASN A 208 -8.82 -7.92 -17.12
N VAL A 209 -10.02 -8.04 -16.56
CA VAL A 209 -10.26 -7.85 -15.14
C VAL A 209 -10.62 -9.19 -14.52
N ASN A 210 -9.93 -9.54 -13.43
CA ASN A 210 -10.18 -10.79 -12.72
C ASN A 210 -10.39 -10.50 -11.24
N HIS A 211 -11.57 -10.82 -10.73
CA HIS A 211 -11.90 -10.75 -9.30
C HIS A 211 -12.13 -12.18 -8.82
N LYS A 212 -11.07 -12.84 -8.39
CA LYS A 212 -11.20 -14.26 -8.02
C LYS A 212 -12.17 -14.52 -6.87
N PRO A 213 -12.26 -13.69 -5.82
CA PRO A 213 -13.23 -13.99 -4.74
C PRO A 213 -14.67 -14.23 -5.20
N SER A 214 -15.09 -13.65 -6.33
CA SER A 214 -16.44 -13.85 -6.84
C SER A 214 -16.46 -14.61 -8.15
N ASN A 215 -15.32 -15.15 -8.58
CA ASN A 215 -15.19 -15.84 -9.86
C ASN A 215 -15.70 -14.97 -11.01
N THR A 216 -15.31 -13.69 -11.01
CA THR A 216 -15.76 -12.75 -12.01
C THR A 216 -14.57 -12.40 -12.92
N LYS A 217 -14.69 -12.76 -14.20
CA LYS A 217 -13.71 -12.35 -15.20
C LYS A 217 -14.43 -11.51 -16.25
N VAL A 218 -13.82 -10.39 -16.64
CA VAL A 218 -14.42 -9.47 -17.60
C VAL A 218 -13.33 -9.01 -18.56
N ASP A 219 -13.62 -9.09 -19.86
CA ASP A 219 -12.80 -8.44 -20.88
C ASP A 219 -13.60 -7.26 -21.40
N LYS A 220 -13.07 -6.04 -21.24
CA LYS A 220 -13.80 -4.84 -21.65
C LYS A 220 -13.01 -4.15 -22.76
N LYS A 221 -13.61 -4.07 -23.95
CA LYS A 221 -13.02 -3.27 -25.02
C LYS A 221 -13.33 -1.79 -24.79
N VAL A 222 -12.32 -0.95 -25.00
CA VAL A 222 -12.43 0.48 -24.75
C VAL A 222 -12.25 1.20 -26.08
N GLU A 223 -13.26 1.91 -26.52
CA GLU A 223 -13.20 2.52 -27.84
C GLU A 223 -13.08 4.04 -27.71
N PRO A 224 -12.41 4.67 -28.67
CA PRO A 224 -12.22 6.12 -28.62
C PRO A 224 -13.49 6.88 -28.94
N LYS A 225 -13.52 8.13 -28.48
CA LYS A 225 -14.58 9.08 -28.78
C LYS A 225 -14.11 10.04 -29.87
N SER A 226 -14.99 10.35 -30.80
CA SER A 226 -14.67 11.26 -31.89
C SER A 226 -15.76 12.31 -32.03
N CYS A 227 -15.38 13.47 -32.56
CA CYS A 227 -16.33 14.50 -32.95
C CYS A 227 -16.63 14.49 -34.44
N ASP A 228 -16.03 13.58 -35.19
CA ASP A 228 -16.22 13.54 -36.63
C ASP A 228 -17.57 12.93 -37.01
N GLU B 1 5.81 2.93 28.79
CA GLU B 1 6.11 2.34 27.48
C GLU B 1 7.08 3.19 26.67
N ILE B 2 7.88 2.54 25.83
CA ILE B 2 8.66 3.22 24.82
C ILE B 2 7.74 3.67 23.70
N VAL B 3 7.91 4.92 23.24
CA VAL B 3 7.29 5.42 22.03
C VAL B 3 8.41 5.90 21.10
N LEU B 4 8.36 5.51 19.83
CA LEU B 4 9.38 5.88 18.85
C LEU B 4 8.83 6.86 17.84
N THR B 5 9.63 7.88 17.53
CA THR B 5 9.34 8.78 16.41
C THR B 5 10.45 8.65 15.39
N GLN B 6 10.13 9.03 14.15
CA GLN B 6 11.08 8.95 13.05
C GLN B 6 11.03 10.22 12.22
N SER B 7 12.17 10.60 11.66
CA SER B 7 12.25 11.77 10.81
C SER B 7 13.30 11.56 9.74
N PRO B 8 13.14 12.14 8.55
CA PRO B 8 11.94 12.89 8.16
C PRO B 8 10.80 11.91 7.83
N GLY B 9 9.58 12.40 7.59
CA GLY B 9 8.54 11.50 7.13
C GLY B 9 8.86 10.90 5.78
N THR B 10 9.34 11.75 4.86
CA THR B 10 9.77 11.35 3.53
C THR B 10 11.12 11.98 3.24
N LEU B 11 12.03 11.19 2.72
CA LEU B 11 13.36 11.64 2.33
C LEU B 11 13.49 11.43 0.83
N SER B 12 13.74 12.50 0.09
CA SER B 12 13.82 12.44 -1.36
C SER B 12 15.28 12.64 -1.76
N LEU B 13 15.91 11.59 -2.29
CA LEU B 13 17.32 11.62 -2.61
C LEU B 13 17.58 10.84 -3.89
N SER B 14 18.71 11.14 -4.52
CA SER B 14 19.05 10.50 -5.79
C SER B 14 20.01 9.34 -5.57
N PRO B 15 20.05 8.39 -6.51
CA PRO B 15 21.03 7.31 -6.41
C PRO B 15 22.44 7.87 -6.26
N GLY B 16 23.22 7.24 -5.38
CA GLY B 16 24.55 7.66 -5.10
C GLY B 16 24.69 8.58 -3.91
N GLU B 17 23.58 9.17 -3.45
CA GLU B 17 23.63 10.10 -2.34
C GLU B 17 23.55 9.34 -1.01
N ARG B 18 23.93 10.05 0.07
CA ARG B 18 23.95 9.47 1.42
C ARG B 18 22.65 9.81 2.12
N ALA B 19 21.94 8.79 2.57
CA ALA B 19 20.68 8.96 3.28
C ALA B 19 20.91 8.75 4.77
N THR B 20 20.46 9.70 5.57
CA THR B 20 20.52 9.59 7.02
C THR B 20 19.10 9.61 7.58
N LEU B 21 18.69 8.52 8.20
CA LEU B 21 17.36 8.38 8.78
C LEU B 21 17.46 8.41 10.29
N SER B 22 16.53 9.11 10.94
CA SER B 22 16.58 9.34 12.39
C SER B 22 15.45 8.59 13.10
N CYS B 23 15.78 8.03 14.27
CA CYS B 23 14.82 7.41 15.16
C CYS B 23 15.06 7.93 16.56
N ARG B 24 13.98 8.35 17.23
CA ARG B 24 14.10 8.89 18.59
C ARG B 24 13.14 8.17 19.51
N ALA B 25 13.64 7.75 20.67
CA ALA B 25 12.83 7.08 21.68
C ALA B 25 12.39 8.07 22.75
N SER B 26 11.22 7.80 23.33
CA SER B 26 10.68 8.63 24.40
C SER B 26 11.44 8.46 25.71
N GLN B 27 12.12 7.33 25.89
CA GLN B 27 12.96 7.08 27.05
C GLN B 27 14.17 6.30 26.58
N ILE B 28 15.19 6.23 27.44
CA ILE B 28 16.40 5.51 27.09
C ILE B 28 16.06 4.05 26.82
N VAL B 29 16.54 3.52 25.70
CA VAL B 29 16.32 2.12 25.36
C VAL B 29 17.66 1.39 25.29
N SER B 30 17.61 0.10 25.57
CA SER B 30 18.81 -0.73 25.48
C SER B 30 19.29 -0.79 24.03
N ARG B 31 20.60 -0.59 23.84
CA ARG B 31 21.16 -0.64 22.50
C ARG B 31 21.00 -2.03 21.88
N ASN B 32 20.90 -3.07 22.72
CA ASN B 32 20.72 -4.43 22.21
C ASN B 32 19.36 -4.62 21.55
N HIS B 33 18.42 -3.71 21.77
CA HIS B 33 17.03 -3.84 21.35
C HIS B 33 16.60 -2.64 20.52
N LEU B 34 17.47 -2.22 19.60
CA LEU B 34 17.16 -1.18 18.62
C LEU B 34 17.52 -1.74 17.26
N ALA B 35 16.53 -1.88 16.38
CA ALA B 35 16.77 -2.47 15.07
C ALA B 35 16.13 -1.61 13.99
N TRP B 36 16.57 -1.86 12.75
CA TRP B 36 16.04 -1.19 11.58
C TRP B 36 15.59 -2.22 10.56
N TYR B 37 14.41 -1.99 9.96
CA TYR B 37 13.81 -2.86 8.96
C TYR B 37 13.49 -2.07 7.70
N GLN B 38 13.71 -2.70 6.56
CA GLN B 38 13.28 -2.17 5.27
C GLN B 38 11.98 -2.84 4.87
N GLN B 39 11.09 -2.11 4.18
CA GLN B 39 9.91 -2.76 3.64
C GLN B 39 9.56 -2.17 2.29
N LYS B 40 9.32 -3.04 1.31
CA LYS B 40 8.85 -2.66 -0.01
C LYS B 40 7.40 -3.11 -0.22
N PRO B 41 6.66 -2.45 -1.11
CA PRO B 41 5.23 -2.78 -1.26
C PRO B 41 5.02 -4.25 -1.59
N GLY B 42 4.03 -4.84 -0.91
CA GLY B 42 3.66 -6.21 -1.11
C GLY B 42 4.56 -7.23 -0.45
N GLN B 43 5.57 -6.80 0.29
CA GLN B 43 6.53 -7.72 0.89
C GLN B 43 6.54 -7.61 2.41
N ALA B 44 7.08 -8.64 3.06
CA ALA B 44 7.34 -8.58 4.49
C ALA B 44 8.53 -7.65 4.76
N PRO B 45 8.64 -7.15 6.00
CA PRO B 45 9.83 -6.37 6.38
C PRO B 45 11.08 -7.24 6.31
N ARG B 46 12.23 -6.57 6.20
CA ARG B 46 13.54 -7.21 6.12
C ARG B 46 14.51 -6.52 7.09
N LEU B 47 15.15 -7.32 7.94
CA LEU B 47 16.08 -6.77 8.92
C LEU B 47 17.33 -6.24 8.24
N LEU B 48 17.73 -5.02 8.61
CA LEU B 48 18.97 -4.41 8.14
C LEU B 48 20.03 -4.33 9.23
N ILE B 49 19.67 -3.81 10.39
CA ILE B 49 20.57 -3.46 11.48
C ILE B 49 19.94 -3.95 12.76
N PHE B 50 20.70 -4.64 13.61
CA PHE B 50 20.24 -4.97 14.94
C PHE B 50 21.27 -4.53 15.96
N GLY B 51 20.88 -4.48 17.22
CA GLY B 51 21.77 -3.97 18.25
C GLY B 51 22.29 -2.58 17.94
N ALA B 52 21.47 -1.74 17.31
CA ALA B 52 21.77 -0.36 16.92
C ALA B 52 22.80 -0.22 15.81
N SER B 53 23.80 -1.10 15.75
CA SER B 53 24.87 -0.91 14.79
C SER B 53 25.37 -2.20 14.12
N SER B 54 24.81 -3.36 14.44
CA SER B 54 25.27 -4.60 13.81
C SER B 54 24.51 -4.84 12.51
N ARG B 55 25.25 -5.10 11.44
CA ARG B 55 24.64 -5.37 10.14
C ARG B 55 24.19 -6.83 10.07
N ALA B 56 22.94 -7.03 9.63
CA ALA B 56 22.42 -8.39 9.49
C ALA B 56 23.09 -9.11 8.33
N THR B 57 23.09 -10.44 8.41
CA THR B 57 23.70 -11.27 7.38
C THR B 57 23.10 -10.96 6.00
N GLY B 58 23.96 -10.78 5.01
CA GLY B 58 23.52 -10.57 3.65
C GLY B 58 23.14 -9.14 3.31
N ILE B 59 23.27 -8.23 4.26
CA ILE B 59 22.93 -6.82 4.05
C ILE B 59 24.17 -6.11 3.52
N PRO B 60 24.06 -5.30 2.46
CA PRO B 60 25.24 -4.64 1.89
C PRO B 60 25.91 -3.69 2.86
N VAL B 61 27.22 -3.47 2.64
CA VAL B 61 28.03 -2.69 3.55
C VAL B 61 27.62 -1.22 3.61
N ARG B 62 26.90 -0.73 2.60
CA ARG B 62 26.49 0.67 2.64
C ARG B 62 25.46 0.97 3.73
N PHE B 63 24.88 -0.05 4.36
CA PHE B 63 23.97 0.17 5.49
C PHE B 63 24.75 0.16 6.79
N SER B 64 24.54 1.19 7.62
CA SER B 64 25.14 1.23 8.94
C SER B 64 24.18 1.90 9.90
N GLY B 65 24.44 1.73 11.19
CA GLY B 65 23.68 2.42 12.21
C GLY B 65 24.59 2.92 13.32
N SER B 66 24.11 3.92 14.05
CA SER B 66 24.82 4.39 15.23
C SER B 66 23.84 5.02 16.19
N GLY B 67 24.26 5.22 17.43
CA GLY B 67 23.49 5.95 18.41
C GLY B 67 23.44 5.24 19.75
N SER B 68 22.84 5.93 20.70
CA SER B 68 22.71 5.45 22.06
C SER B 68 21.67 6.31 22.77
N GLY B 69 21.20 5.82 23.91
CA GLY B 69 20.27 6.59 24.71
C GLY B 69 18.91 6.65 24.06
N THR B 70 18.52 7.82 23.57
CA THR B 70 17.25 8.00 22.89
C THR B 70 17.36 8.24 21.40
N ASP B 71 18.56 8.45 20.86
CA ASP B 71 18.74 8.91 19.49
C ASP B 71 19.55 7.91 18.68
N PHE B 72 19.00 7.48 17.54
CA PHE B 72 19.63 6.49 16.68
C PHE B 72 19.46 6.91 15.23
N THR B 73 20.44 6.53 14.40
CA THR B 73 20.36 6.79 12.97
C THR B 73 20.64 5.52 12.18
N LEU B 74 20.05 5.46 10.99
CA LEU B 74 20.40 4.50 9.96
C LEU B 74 20.98 5.30 8.79
N THR B 75 22.13 4.87 8.29
CA THR B 75 22.77 5.55 7.16
C THR B 75 22.88 4.60 6.00
N ILE B 76 22.44 5.03 4.82
CA ILE B 76 22.66 4.32 3.57
C ILE B 76 23.67 5.14 2.79
N ASN B 77 24.92 4.68 2.77
CA ASN B 77 26.02 5.49 2.24
C ASN B 77 26.15 5.25 0.74
N GLY B 78 25.24 5.89 -0.02
CA GLY B 78 25.24 5.74 -1.46
C GLY B 78 24.07 4.90 -1.90
N LEU B 79 22.93 5.56 -2.11
CA LEU B 79 21.69 4.85 -2.41
C LEU B 79 21.78 4.11 -3.74
N ALA B 80 21.33 2.86 -3.75
CA ALA B 80 21.12 2.11 -4.99
C ALA B 80 19.65 2.11 -5.34
N PRO B 81 19.30 1.86 -6.61
CA PRO B 81 17.87 1.83 -6.99
C PRO B 81 17.02 0.93 -6.12
N GLU B 82 17.55 -0.21 -5.70
CA GLU B 82 16.82 -1.14 -4.86
C GLU B 82 16.62 -0.64 -3.43
N ASP B 83 17.20 0.51 -3.06
CA ASP B 83 17.09 1.02 -1.69
C ASP B 83 15.91 1.94 -1.48
N PHE B 84 15.19 2.30 -2.53
CA PHE B 84 14.04 3.17 -2.35
C PHE B 84 12.89 2.34 -1.83
N ALA B 85 12.47 2.65 -0.60
CA ALA B 85 11.62 1.78 0.21
C ALA B 85 11.25 2.55 1.46
N VAL B 86 10.51 1.90 2.35
CA VAL B 86 10.18 2.48 3.65
C VAL B 86 11.03 1.80 4.70
N TYR B 87 11.49 2.58 5.68
CA TYR B 87 12.39 2.11 6.73
C TYR B 87 11.78 2.36 8.09
N TYR B 88 11.72 1.32 8.93
CA TYR B 88 11.16 1.39 10.26
C TYR B 88 12.24 1.11 11.30
N CYS B 89 12.28 1.92 12.36
CA CYS B 89 13.03 1.48 13.53
C CYS B 89 12.11 0.70 14.46
N LEU B 90 12.72 -0.18 15.26
CA LEU B 90 12.01 -1.07 16.15
C LEU B 90 12.75 -1.13 17.46
N SER B 91 12.02 -1.07 18.57
CA SER B 91 12.61 -1.22 19.89
C SER B 91 11.77 -2.16 20.73
N SER B 92 12.35 -2.64 21.84
CA SER B 92 11.60 -3.48 22.76
C SER B 92 12.14 -3.33 24.18
N ASP B 93 11.30 -3.74 25.13
CA ASP B 93 11.68 -3.87 26.53
C ASP B 93 10.87 -5.01 27.13
N SER B 94 11.55 -6.02 27.67
CA SER B 94 10.89 -7.21 28.21
C SER B 94 9.98 -7.87 27.16
N SER B 95 10.47 -7.92 25.92
CA SER B 95 9.79 -8.58 24.81
C SER B 95 8.46 -7.91 24.45
N ILE B 96 8.30 -6.64 24.84
CA ILE B 96 7.21 -5.79 24.39
C ILE B 96 7.78 -4.87 23.33
N PHE B 97 7.32 -5.00 22.09
CA PHE B 97 7.91 -4.38 20.92
C PHE B 97 7.12 -3.16 20.48
N THR B 98 7.84 -2.19 19.88
CA THR B 98 7.20 -1.01 19.32
C THR B 98 7.91 -0.58 18.04
N PHE B 99 7.13 -0.38 16.97
CA PHE B 99 7.67 0.13 15.72
C PHE B 99 7.52 1.64 15.66
N GLY B 100 8.53 2.31 15.10
CA GLY B 100 8.42 3.69 14.70
C GLY B 100 7.48 3.82 13.51
N PRO B 101 7.12 5.06 13.14
CA PRO B 101 6.11 5.26 12.09
C PRO B 101 6.64 5.08 10.68
N GLY B 102 7.95 4.97 10.50
CA GLY B 102 8.50 4.76 9.19
C GLY B 102 8.93 6.03 8.48
N THR B 103 10.01 5.94 7.72
CA THR B 103 10.45 6.98 6.80
C THR B 103 10.48 6.42 5.40
N LYS B 104 9.80 7.08 4.47
CA LYS B 104 9.83 6.70 3.07
C LYS B 104 11.01 7.39 2.40
N VAL B 105 11.84 6.60 1.71
CA VAL B 105 12.93 7.14 0.91
C VAL B 105 12.50 7.04 -0.54
N ASP B 106 12.21 8.17 -1.18
CA ASP B 106 11.85 8.07 -2.58
C ASP B 106 12.93 8.72 -3.44
N PHE B 107 12.82 8.42 -4.73
CA PHE B 107 13.84 8.71 -5.72
C PHE B 107 13.66 10.15 -6.22
N LYS B 108 14.68 10.98 -5.99
CA LYS B 108 14.62 12.38 -6.39
C LYS B 108 15.07 12.51 -7.84
N ARG B 109 14.13 12.74 -8.74
CA ARG B 109 14.38 13.06 -10.14
C ARG B 109 14.01 14.52 -10.38
N THR B 110 14.21 14.97 -11.62
CA THR B 110 13.80 16.34 -11.94
C THR B 110 12.29 16.47 -11.83
N VAL B 111 11.85 17.68 -11.45
CA VAL B 111 10.42 17.95 -11.34
C VAL B 111 9.74 17.74 -12.69
N ALA B 112 8.60 17.07 -12.67
CA ALA B 112 7.82 16.83 -13.88
C ALA B 112 6.37 17.16 -13.58
N ALA B 113 5.79 18.08 -14.33
CA ALA B 113 4.37 18.38 -14.19
C ALA B 113 3.52 17.22 -14.72
N PRO B 114 2.35 17.00 -14.13
CA PRO B 114 1.48 15.92 -14.63
C PRO B 114 0.87 16.30 -15.97
N SER B 115 0.64 15.30 -16.81
CA SER B 115 -0.33 15.44 -17.90
C SER B 115 -1.68 15.08 -17.32
N VAL B 116 -2.70 15.88 -17.60
CA VAL B 116 -4.00 15.74 -16.95
C VAL B 116 -5.04 15.35 -18.00
N PHE B 117 -5.90 14.39 -17.64
CA PHE B 117 -6.97 13.92 -18.50
C PHE B 117 -8.22 13.80 -17.67
N ILE B 118 -9.38 14.14 -18.26
CA ILE B 118 -10.66 13.98 -17.57
C ILE B 118 -11.53 13.03 -18.37
N PHE B 119 -12.20 12.12 -17.67
CA PHE B 119 -13.06 11.11 -18.27
C PHE B 119 -14.50 11.28 -17.81
N PRO B 120 -15.45 11.54 -18.69
CA PRO B 120 -16.85 11.56 -18.28
C PRO B 120 -17.33 10.16 -17.92
N PRO B 121 -18.43 10.06 -17.20
CA PRO B 121 -19.05 8.74 -16.98
C PRO B 121 -19.52 8.15 -18.30
N SER B 122 -19.41 6.83 -18.40
CA SER B 122 -19.91 6.13 -19.58
C SER B 122 -21.42 6.08 -19.56
N ASP B 123 -22.02 6.03 -20.75
CA ASP B 123 -23.47 5.83 -20.81
C ASP B 123 -23.87 4.52 -20.16
N GLU B 124 -23.03 3.49 -20.28
CA GLU B 124 -23.33 2.22 -19.63
C GLU B 124 -23.48 2.39 -18.13
N GLN B 125 -22.56 3.13 -17.49
CA GLN B 125 -22.68 3.32 -16.05
C GLN B 125 -23.93 4.12 -15.71
N LEU B 126 -24.21 5.18 -16.49
CA LEU B 126 -25.35 6.03 -16.18
C LEU B 126 -26.65 5.24 -16.10
N LYS B 127 -26.77 4.19 -16.91
CA LYS B 127 -27.99 3.38 -16.90
C LYS B 127 -28.18 2.65 -15.57
N SER B 128 -27.14 2.53 -14.76
CA SER B 128 -27.24 1.92 -13.45
C SER B 128 -27.60 2.93 -12.35
N GLY B 129 -27.65 4.22 -12.66
CA GLY B 129 -28.06 5.21 -11.69
C GLY B 129 -26.97 6.01 -11.03
N THR B 130 -25.71 5.77 -11.38
CA THR B 130 -24.58 6.43 -10.74
C THR B 130 -23.62 6.95 -11.81
N ALA B 131 -22.94 8.04 -11.51
CA ALA B 131 -21.99 8.64 -12.43
C ALA B 131 -20.65 8.80 -11.71
N SER B 132 -19.61 8.21 -12.28
CA SER B 132 -18.25 8.40 -11.81
C SER B 132 -17.53 9.28 -12.83
N VAL B 133 -16.90 10.35 -12.37
CA VAL B 133 -16.07 11.20 -13.21
C VAL B 133 -14.63 11.02 -12.73
N VAL B 134 -13.71 10.74 -13.67
CA VAL B 134 -12.34 10.40 -13.30
C VAL B 134 -11.40 11.45 -13.84
N CYS B 135 -10.51 11.93 -12.99
CA CYS B 135 -9.43 12.82 -13.39
C CYS B 135 -8.11 12.09 -13.18
N LEU B 136 -7.29 12.07 -14.23
CA LEU B 136 -6.00 11.39 -14.21
C LEU B 136 -4.88 12.40 -14.25
N LEU B 137 -3.96 12.31 -13.30
CA LEU B 137 -2.72 13.07 -13.28
C LEU B 137 -1.61 12.08 -13.57
N ASN B 138 -0.97 12.19 -14.73
CA ASN B 138 -0.07 11.14 -15.18
C ASN B 138 1.40 11.56 -15.14
N ASN B 139 2.24 10.69 -14.55
CA ASN B 139 3.70 10.74 -14.65
C ASN B 139 4.28 12.08 -14.17
N PHE B 140 4.08 12.37 -12.89
CA PHE B 140 4.56 13.62 -12.30
C PHE B 140 5.53 13.36 -11.16
N TYR B 141 6.30 14.39 -10.80
CA TYR B 141 7.22 14.32 -9.66
C TYR B 141 7.44 15.75 -9.20
N PRO B 142 7.41 16.03 -7.88
CA PRO B 142 7.25 15.10 -6.76
C PRO B 142 5.82 14.64 -6.53
N ARG B 143 5.61 13.85 -5.48
CA ARG B 143 4.33 13.17 -5.25
C ARG B 143 3.20 14.14 -4.87
N GLU B 144 3.54 15.28 -4.27
CA GLU B 144 2.51 16.18 -3.75
C GLU B 144 1.75 16.83 -4.89
N ALA B 145 0.43 16.70 -4.85
CA ALA B 145 -0.42 17.29 -5.87
C ALA B 145 -1.78 17.56 -5.25
N LYS B 146 -2.46 18.57 -5.77
CA LYS B 146 -3.79 18.94 -5.29
C LYS B 146 -4.77 18.89 -6.45
N VAL B 147 -5.92 18.26 -6.21
CA VAL B 147 -6.98 18.17 -7.21
C VAL B 147 -8.22 18.81 -6.62
N GLN B 148 -8.88 19.66 -7.40
CA GLN B 148 -10.13 20.30 -7.01
C GLN B 148 -11.18 20.04 -8.08
N TRP B 149 -12.34 19.55 -7.64
CA TRP B 149 -13.47 19.31 -8.52
C TRP B 149 -14.43 20.48 -8.45
N LYS B 150 -14.92 20.91 -9.61
CA LYS B 150 -15.98 21.91 -9.66
C LYS B 150 -17.04 21.43 -10.64
N VAL B 151 -18.30 21.55 -10.22
CA VAL B 151 -19.44 21.24 -11.05
C VAL B 151 -20.24 22.53 -11.19
N ASP B 152 -20.27 23.09 -12.40
CA ASP B 152 -20.84 24.42 -12.64
C ASP B 152 -20.33 25.42 -11.60
N ASN B 153 -19.02 25.40 -11.40
CA ASN B 153 -18.28 26.27 -10.48
C ASN B 153 -18.59 26.04 -9.01
N ALA B 154 -19.33 24.99 -8.64
CA ALA B 154 -19.51 24.62 -7.24
C ALA B 154 -18.38 23.67 -6.85
N LEU B 155 -17.56 24.06 -5.87
CA LEU B 155 -16.51 23.19 -5.36
C LEU B 155 -17.14 21.95 -4.73
N GLN B 156 -16.64 20.78 -5.13
CA GLN B 156 -17.13 19.50 -4.62
C GLN B 156 -16.21 19.04 -3.50
N SER B 157 -16.79 18.77 -2.33
CA SER B 157 -15.99 18.38 -1.18
C SER B 157 -16.67 17.19 -0.53
N GLY B 158 -15.88 16.15 -0.25
CA GLY B 158 -16.38 14.97 0.44
C GLY B 158 -16.91 13.88 -0.46
N ASN B 159 -17.03 14.12 -1.76
CA ASN B 159 -17.60 13.13 -2.68
C ASN B 159 -16.59 12.68 -3.74
N SER B 160 -15.29 12.79 -3.44
CA SER B 160 -14.28 12.26 -4.34
C SER B 160 -13.28 11.43 -3.54
N GLN B 161 -12.62 10.50 -4.23
CA GLN B 161 -11.53 9.73 -3.63
C GLN B 161 -10.33 9.69 -4.56
N GLU B 162 -9.13 9.75 -3.97
CA GLU B 162 -7.88 9.71 -4.72
C GLU B 162 -7.14 8.41 -4.49
N SER B 163 -6.36 8.01 -5.49
CA SER B 163 -5.44 6.89 -5.39
C SER B 163 -4.14 7.27 -6.11
N VAL B 164 -3.02 6.80 -5.58
CA VAL B 164 -1.70 7.13 -6.12
C VAL B 164 -0.92 5.83 -6.31
N THR B 165 -0.24 5.71 -7.46
CA THR B 165 0.60 4.56 -7.73
C THR B 165 1.89 4.66 -6.94
N GLU B 166 2.59 3.53 -6.82
CA GLU B 166 3.94 3.57 -6.29
C GLU B 166 4.86 4.19 -7.33
N GLN B 167 5.97 4.76 -6.85
CA GLN B 167 6.91 5.43 -7.76
C GLN B 167 7.38 4.48 -8.85
N ASP B 168 7.33 4.94 -10.09
CA ASP B 168 7.62 4.07 -11.23
C ASP B 168 9.09 3.64 -11.23
N SER B 169 9.33 2.36 -11.54
CA SER B 169 10.68 1.84 -11.47
C SER B 169 11.55 2.27 -12.64
N LYS B 170 10.94 2.75 -13.73
CA LYS B 170 11.68 3.20 -14.90
C LYS B 170 11.88 4.72 -14.94
N ASP B 171 10.82 5.51 -14.75
CA ASP B 171 10.97 6.96 -14.85
C ASP B 171 10.79 7.70 -13.52
N SER B 172 10.60 6.97 -12.41
CA SER B 172 10.55 7.55 -11.06
C SER B 172 9.46 8.61 -10.92
N THR B 173 8.39 8.50 -11.71
CA THR B 173 7.25 9.39 -11.52
C THR B 173 6.15 8.68 -10.74
N TYR B 174 5.14 9.48 -10.39
CA TYR B 174 3.89 9.03 -9.77
C TYR B 174 2.74 9.32 -10.70
N SER B 175 1.64 8.60 -10.50
CA SER B 175 0.39 8.97 -11.14
C SER B 175 -0.71 8.92 -10.10
N LEU B 176 -1.76 9.70 -10.34
CA LEU B 176 -2.82 9.86 -9.36
C LEU B 176 -4.14 9.89 -10.09
N SER B 177 -5.15 9.23 -9.52
CA SER B 177 -6.52 9.36 -10.01
C SER B 177 -7.37 10.03 -8.93
N SER B 178 -8.32 10.84 -9.35
CA SER B 178 -9.34 11.36 -8.46
C SER B 178 -10.67 11.02 -9.08
N THR B 179 -11.57 10.42 -8.31
CA THR B 179 -12.85 9.99 -8.82
C THR B 179 -13.98 10.68 -8.07
N LEU B 180 -14.78 11.43 -8.82
CA LEU B 180 -15.93 12.14 -8.29
C LEU B 180 -17.17 11.27 -8.54
N THR B 181 -17.95 11.01 -7.50
CA THR B 181 -19.14 10.20 -7.62
C THR B 181 -20.38 11.05 -7.39
N LEU B 182 -21.32 10.99 -8.31
CA LEU B 182 -22.62 11.65 -8.22
C LEU B 182 -23.70 10.66 -8.58
N SER B 183 -24.93 10.95 -8.15
CA SER B 183 -26.07 10.23 -8.68
C SER B 183 -26.27 10.61 -10.14
N LYS B 184 -26.88 9.70 -10.89
CA LYS B 184 -27.27 10.03 -12.26
C LYS B 184 -28.13 11.29 -12.31
N ALA B 185 -29.06 11.42 -11.37
CA ALA B 185 -29.94 12.59 -11.37
C ALA B 185 -29.16 13.88 -11.19
N ASP B 186 -28.24 13.91 -10.21
CA ASP B 186 -27.40 15.10 -10.02
C ASP B 186 -26.52 15.36 -11.24
N TYR B 187 -25.94 14.30 -11.81
CA TYR B 187 -25.07 14.49 -12.98
C TYR B 187 -25.83 15.15 -14.13
N GLU B 188 -27.07 14.71 -14.37
CA GLU B 188 -27.83 15.23 -15.50
C GLU B 188 -28.43 16.61 -15.22
N LYS B 189 -28.34 17.11 -14.00
CA LYS B 189 -28.82 18.46 -13.68
C LYS B 189 -27.74 19.53 -13.82
N HIS B 190 -26.53 19.16 -14.22
CA HIS B 190 -25.44 20.11 -14.32
C HIS B 190 -24.68 19.91 -15.61
N LYS B 191 -23.89 20.92 -15.97
CA LYS B 191 -23.30 21.01 -17.30
C LYS B 191 -21.78 20.88 -17.29
N VAL B 192 -21.07 21.74 -16.56
CA VAL B 192 -19.63 21.84 -16.68
C VAL B 192 -18.97 21.04 -15.56
N TYR B 193 -18.15 20.07 -15.94
CA TYR B 193 -17.43 19.23 -14.99
C TYR B 193 -15.95 19.50 -15.15
N ALA B 194 -15.30 19.94 -14.08
CA ALA B 194 -13.94 20.43 -14.18
C ALA B 194 -13.06 19.85 -13.08
N CYS B 195 -11.85 19.48 -13.47
CA CYS B 195 -10.80 19.01 -12.57
C CYS B 195 -9.66 20.03 -12.64
N GLU B 196 -9.37 20.69 -11.52
CA GLU B 196 -8.27 21.66 -11.46
C GLU B 196 -7.10 21.07 -10.69
N VAL B 197 -5.93 21.08 -11.31
CA VAL B 197 -4.74 20.42 -10.77
C VAL B 197 -3.68 21.45 -10.41
N THR B 198 -3.19 21.39 -9.18
CA THR B 198 -2.07 22.20 -8.73
C THR B 198 -0.90 21.29 -8.43
N HIS B 199 0.30 21.67 -8.90
CA HIS B 199 1.50 20.87 -8.70
C HIS B 199 2.70 21.79 -8.88
N GLN B 200 3.80 21.49 -8.16
CA GLN B 200 4.95 22.39 -8.20
C GLN B 200 5.56 22.51 -9.59
N GLY B 201 5.39 21.49 -10.43
CA GLY B 201 5.87 21.55 -11.79
C GLY B 201 5.08 22.48 -12.69
N LEU B 202 3.87 22.86 -12.28
CA LEU B 202 2.98 23.67 -13.08
C LEU B 202 3.11 25.13 -12.67
N SER B 203 3.39 26.01 -13.65
CA SER B 203 3.49 27.43 -13.31
C SER B 203 2.14 28.00 -12.85
N SER B 204 1.05 27.49 -13.41
CA SER B 204 -0.32 27.84 -13.04
C SER B 204 -1.13 26.55 -13.01
N PRO B 205 -2.22 26.52 -12.25
CA PRO B 205 -3.04 25.30 -12.22
C PRO B 205 -3.62 24.98 -13.59
N VAL B 206 -3.72 23.67 -13.87
CA VAL B 206 -4.27 23.17 -15.12
C VAL B 206 -5.69 22.71 -14.85
N THR B 207 -6.63 23.15 -15.68
CA THR B 207 -8.01 22.70 -15.59
C THR B 207 -8.35 21.89 -16.84
N LYS B 208 -8.82 20.67 -16.63
CA LYS B 208 -9.45 19.88 -17.69
C LYS B 208 -10.93 19.78 -17.38
N SER B 209 -11.76 19.97 -18.41
CA SER B 209 -13.19 20.02 -18.18
C SER B 209 -13.90 19.48 -19.40
N PHE B 210 -15.16 19.12 -19.19
CA PHE B 210 -16.05 18.81 -20.30
C PHE B 210 -17.43 19.37 -20.00
N ASN B 211 -18.19 19.62 -21.07
CA ASN B 211 -19.60 19.94 -21.00
C ASN B 211 -20.38 18.66 -21.20
N ARG B 212 -21.25 18.33 -20.25
CA ARG B 212 -22.06 17.13 -20.38
C ARG B 212 -22.83 17.16 -21.70
N GLY B 213 -22.66 16.11 -22.51
CA GLY B 213 -23.28 16.01 -23.80
C GLY B 213 -22.37 16.32 -24.98
N GLU B 214 -21.24 16.98 -24.74
CA GLU B 214 -20.30 17.29 -25.82
C GLU B 214 -19.69 16.00 -26.38
N CYS B 215 -19.17 16.09 -27.60
CA CYS B 215 -18.48 14.95 -28.19
C CYS B 215 -17.01 14.92 -27.78
C1 EDO C . -5.16 -3.44 -5.43
O1 EDO C . -5.90 -2.52 -4.60
C2 EDO C . -6.10 -4.27 -6.29
O2 EDO C . -6.64 -5.32 -5.48
C1 EDO D . -10.48 -11.61 -18.07
O1 EDO D . -9.75 -12.26 -19.13
C2 EDO D . -9.63 -11.64 -16.81
O2 EDO D . -8.83 -12.83 -16.80
C1 EDO E . 16.85 -14.86 18.85
O1 EDO E . 17.59 -15.71 17.96
C2 EDO E . 15.51 -15.50 19.18
O2 EDO E . 15.63 -16.91 19.06
C1 EDO F . -18.54 -5.58 -17.18
O1 EDO F . -19.14 -5.23 -15.94
C2 EDO F . -19.55 -5.30 -18.28
O2 EDO F . -19.85 -3.90 -18.28
C1 EDO G . 0.24 -2.80 -27.85
O1 EDO G . 1.28 -3.61 -27.30
C2 EDO G . -0.93 -3.69 -28.22
O2 EDO G . -0.95 -4.80 -27.30
C1 EDO H . 11.16 -17.53 5.52
O1 EDO H . 9.74 -17.65 5.28
C2 EDO H . 11.77 -16.36 4.72
O2 EDO H . 11.89 -15.16 5.52
C1 EDO I . -11.14 -14.28 21.53
O1 EDO I . -11.28 -13.36 22.61
C2 EDO I . -9.72 -14.15 20.99
O2 EDO I . -8.81 -14.26 22.09
C1 EDO J . -11.84 5.10 -7.52
O1 EDO J . -10.47 5.20 -7.09
C2 EDO J . -11.89 4.45 -8.89
O2 EDO J . -11.20 5.27 -9.85
C1 EDO K . 26.96 -9.26 16.62
O1 EDO K . 27.04 -7.88 16.98
C2 EDO K . 26.71 -10.07 17.89
O2 EDO K . 26.84 -9.20 19.02
C1 EDO L . 22.57 -13.71 14.52
O1 EDO L . 22.54 -14.74 15.51
C2 EDO L . 23.78 -12.81 14.67
O2 EDO L . 24.25 -12.48 13.36
C1 EDO M . 19.06 -3.71 -0.09
O1 EDO M . 18.10 -2.66 -0.39
C2 EDO M . 18.73 -4.43 1.22
O2 EDO M . 17.50 -5.17 1.09
C1 EDO N . 14.35 -5.13 18.72
O1 EDO N . 15.57 -5.57 18.12
C2 EDO N . 14.23 -5.65 20.15
O2 EDO N . 14.53 -7.06 20.27
C1 EDO O . 3.72 4.02 5.76
O1 EDO O . 2.74 4.97 6.21
C2 EDO O . 4.90 4.06 6.74
O2 EDO O . 5.44 5.40 6.79
C1 EDO P . 5.97 -0.79 2.39
O1 EDO P . 6.61 -0.09 1.32
C2 EDO P . 5.37 0.25 3.33
O2 EDO P . 5.97 0.14 4.62
C1 EDO Q . 21.12 -11.46 11.56
O1 EDO Q . 22.37 -11.47 10.84
C2 EDO Q . 20.09 -12.28 10.79
O2 EDO Q . 20.22 -13.66 11.16
C1 EDO R . -18.98 14.66 -22.27
O1 EDO R . -18.63 14.09 -23.53
C2 EDO R . -19.93 13.73 -21.52
O2 EDO R . -21.27 13.84 -22.04
C1 EDO S . 11.82 4.52 -7.48
O1 EDO S . 11.78 5.09 -8.80
C2 EDO S . 12.80 3.36 -7.47
O2 EDO S . 12.53 2.50 -8.58
#